data_8S61
#
_entry.id   8S61
#
_cell.length_a   1.00
_cell.length_b   1.00
_cell.length_c   1.00
_cell.angle_alpha   90.00
_cell.angle_beta   90.00
_cell.angle_gamma   90.00
#
_symmetry.space_group_name_H-M   'P 1'
#
loop_
_entity.id
_entity.type
_entity.pdbx_description
1 polymer Nb3.7
2 polymer 'Thiamine transporter 2'
3 non-polymer 3-(4-AMINO-2-METHYL-PYRIMIDIN-5-YLMETHYL)-5-(2-HYDROXY-ETHYL)-4-METHYL-THIAZOL-3-IUM
#
loop_
_entity_poly.entity_id
_entity_poly.type
_entity_poly.pdbx_seq_one_letter_code
_entity_poly.pdbx_strand_id
1 'polypeptide(L)'
;VQLVESGGGLVQPGDSLRLSCAASGRTFSINAMAWFRQAPGKEREYVAQISWTGGNTYYAESVKGRFTISRDNAKNTVYL
QMISLKPEDTAVYYCAADSGGIRLGASRWNYWGQGTQVTVSS
;
B
2 'polypeptide(L)'
;SWIYPTVILCLFGFFSMMRPSEPFLIPYLSGPDKQLTSAEITNEIFPVWTYSYLVLLLPVFVLTDYVRYKPVIILQGISF
IITWLLLLFGQGVKTMQVVEFFYGMVTAAEVAYYAYIYSVVSPEHYQRVSGYCRSVTLAAYTAGSVLAQLLVSLAQMSYF
YLNVISLASVSVAFLFSLFLPMPKKSMFFHAKPSREIKKSSSVNPVLEETHEGEAPGCEEQKPTSEILSTSGKLNKGQLN
SLKPSNVTVDVFVQWFQDLKECYSSKRLFYWSLWWAFATAGFNQVLNYVQILWDYKAPSQDSSIYNGAVEAIATFGGAVA
AFAVGYVKVNWDLLGELALVVFSVVNAGSLFLMHYTANIWACYAGYLIFKSSYMLLITIAVFQIAVNLNVERYALVFGIN
TFIALVIQTIMTVIVVDQRGLNLPVSIQFLVYGSYFAVIAGIFLMRSMY
;
A
#
loop_
_chem_comp.id
_chem_comp.type
_chem_comp.name
_chem_comp.formula
VIB non-polymer 3-(4-AMINO-2-METHYL-PYRIMIDIN-5-YLMETHYL)-5-(2-HYDROXY-ETHYL)-4-METHYL-THIAZOL-3-IUM 'C12 H17 N4 O S 1'
#
# COMPACT_ATOMS: atom_id res chain seq x y z
N VAL A 1 5.61 -29.46 -13.77
CA VAL A 1 6.90 -29.62 -13.10
C VAL A 1 6.85 -30.82 -12.17
N GLN A 2 7.75 -31.78 -12.38
CA GLN A 2 7.85 -32.99 -11.57
C GLN A 2 9.15 -32.91 -10.78
N LEU A 3 9.08 -32.29 -9.60
CA LEU A 3 10.25 -32.11 -8.76
C LEU A 3 10.63 -33.42 -8.10
N VAL A 4 11.91 -33.80 -8.19
CA VAL A 4 12.43 -35.03 -7.61
C VAL A 4 13.56 -34.65 -6.67
N GLU A 5 13.46 -35.08 -5.40
CA GLU A 5 14.47 -34.75 -4.42
C GLU A 5 15.38 -35.91 -4.13
N SER A 6 16.64 -35.63 -3.85
CA SER A 6 17.62 -36.65 -3.53
C SER A 6 18.75 -36.00 -2.76
N GLY A 7 19.49 -36.82 -2.02
CA GLY A 7 20.62 -36.37 -1.25
C GLY A 7 20.45 -36.49 0.25
N GLY A 8 19.43 -37.25 0.67
CA GLY A 8 19.19 -37.43 2.08
C GLY A 8 19.97 -38.58 2.68
N GLY A 9 20.19 -38.49 3.98
CA GLY A 9 20.93 -39.52 4.68
C GLY A 9 21.28 -39.06 6.08
N LEU A 10 21.73 -40.03 6.88
CA LEU A 10 22.08 -39.75 8.27
C LEU A 10 23.52 -39.25 8.36
N VAL A 11 23.71 -38.11 9.01
CA VAL A 11 25.02 -37.49 9.15
C VAL A 11 25.25 -37.17 10.62
N GLN A 12 26.47 -37.43 11.08
CA GLN A 12 26.82 -37.08 12.45
C GLN A 12 26.80 -35.56 12.62
N PRO A 13 26.58 -35.06 13.84
CA PRO A 13 26.45 -33.61 14.02
C PRO A 13 27.69 -32.88 13.53
N GLY A 14 27.48 -31.73 12.90
CA GLY A 14 28.60 -30.94 12.41
C GLY A 14 29.04 -31.43 11.06
N ASP A 15 28.16 -32.11 10.34
CA ASP A 15 28.47 -32.59 9.01
C ASP A 15 27.46 -31.99 8.09
N SER A 16 27.93 -31.34 7.05
CA SER A 16 27.04 -30.71 6.10
C SER A 16 26.32 -31.65 5.14
N LEU A 17 25.38 -31.13 4.36
CA LEU A 17 24.69 -31.94 3.38
C LEU A 17 24.29 -31.06 2.21
N ARG A 18 24.25 -31.61 1.01
CA ARG A 18 23.77 -30.87 -0.16
C ARG A 18 22.58 -31.63 -0.74
N LEU A 19 21.45 -30.94 -0.86
CA LEU A 19 20.21 -31.54 -1.35
C LEU A 19 19.81 -30.86 -2.64
N SER A 20 19.56 -31.65 -3.69
CA SER A 20 19.19 -31.15 -5.00
C SER A 20 17.72 -31.41 -5.26
N CYS A 21 17.19 -30.76 -6.31
CA CYS A 21 15.78 -30.88 -6.68
C CYS A 21 15.67 -30.76 -8.19
N ALA A 22 15.68 -31.90 -8.88
CA ALA A 22 15.73 -31.92 -10.34
C ALA A 22 14.35 -31.57 -10.91
N ALA A 23 14.01 -30.29 -10.81
CA ALA A 23 12.78 -29.80 -11.41
C ALA A 23 12.81 -30.04 -12.92
N SER A 24 11.72 -30.57 -13.46
CA SER A 24 11.69 -30.91 -14.87
C SER A 24 10.25 -31.08 -15.34
N GLY A 25 10.05 -30.85 -16.64
CA GLY A 25 8.78 -31.12 -17.29
C GLY A 25 8.11 -29.88 -17.84
N ARG A 26 8.07 -28.81 -17.03
CA ARG A 26 7.52 -27.52 -17.44
C ARG A 26 8.37 -26.40 -16.87
N THR A 27 9.68 -26.58 -16.86
CA THR A 27 10.59 -25.64 -16.19
C THR A 27 10.65 -24.28 -16.85
N PHE A 28 9.88 -23.99 -17.91
CA PHE A 28 9.93 -22.66 -18.51
C PHE A 28 9.42 -21.60 -17.54
N SER A 29 8.45 -21.94 -16.71
CA SER A 29 7.84 -20.99 -15.78
C SER A 29 7.87 -21.60 -14.37
N ILE A 30 8.96 -21.35 -13.66
CA ILE A 30 9.07 -21.67 -12.23
C ILE A 30 9.68 -20.43 -11.59
N ASN A 31 8.84 -19.54 -11.06
CA ASN A 31 9.31 -18.27 -10.52
C ASN A 31 9.75 -18.31 -9.07
N ALA A 32 9.96 -19.49 -8.52
CA ALA A 32 10.52 -19.61 -7.18
C ALA A 32 10.70 -21.10 -6.90
N MET A 33 11.45 -21.39 -5.83
CA MET A 33 11.60 -22.76 -5.35
C MET A 33 12.08 -22.68 -3.90
N ALA A 34 11.22 -23.08 -2.96
CA ALA A 34 11.49 -22.91 -1.54
C ALA A 34 11.42 -24.26 -0.85
N TRP A 35 12.56 -24.72 -0.34
CA TRP A 35 12.60 -25.96 0.41
C TRP A 35 11.78 -25.83 1.69
N PHE A 36 11.12 -26.92 2.08
CA PHE A 36 10.37 -27.00 3.33
C PHE A 36 10.96 -28.12 4.19
N ARG A 37 10.33 -28.36 5.33
CA ARG A 37 10.82 -29.37 6.26
C ARG A 37 9.69 -29.78 7.17
N GLN A 38 9.62 -31.08 7.47
CA GLN A 38 8.60 -31.64 8.36
C GLN A 38 9.28 -32.59 9.34
N ALA A 39 9.59 -32.10 10.54
CA ALA A 39 10.18 -32.94 11.55
C ALA A 39 9.18 -33.98 12.03
N PRO A 40 9.66 -35.09 12.59
CA PRO A 40 8.73 -36.12 13.08
C PRO A 40 7.78 -35.55 14.14
N GLY A 41 6.49 -35.79 13.94
CA GLY A 41 5.49 -35.25 14.83
C GLY A 41 5.37 -33.75 14.81
N LYS A 42 5.48 -33.13 13.64
CA LYS A 42 5.37 -31.68 13.50
C LYS A 42 4.77 -31.39 12.13
N GLU A 43 4.71 -30.11 11.79
CA GLU A 43 4.14 -29.65 10.52
C GLU A 43 5.24 -29.08 9.63
N ARG A 44 4.89 -28.88 8.36
CA ARG A 44 5.84 -28.34 7.40
C ARG A 44 6.34 -26.97 7.84
N GLU A 45 7.65 -26.77 7.77
CA GLU A 45 8.30 -25.56 8.27
C GLU A 45 9.11 -24.94 7.15
N TYR A 46 8.97 -23.62 6.97
CA TYR A 46 9.75 -22.90 5.99
C TYR A 46 11.24 -23.04 6.28
N VAL A 47 12.03 -23.27 5.24
CA VAL A 47 13.47 -23.42 5.40
C VAL A 47 14.29 -22.54 4.49
N ALA A 48 13.81 -22.10 3.34
CA ALA A 48 14.61 -21.31 2.41
C ALA A 48 13.72 -20.81 1.29
N GLN A 49 14.33 -20.13 0.32
CA GLN A 49 13.65 -19.68 -0.89
C GLN A 49 14.69 -19.12 -1.85
N ILE A 50 14.44 -19.29 -3.15
CA ILE A 50 15.32 -18.75 -4.17
C ILE A 50 14.49 -18.40 -5.39
N SER A 51 14.55 -17.14 -5.81
CA SER A 51 13.87 -16.72 -7.03
C SER A 51 14.58 -17.29 -8.26
N TRP A 52 13.83 -17.44 -9.33
CA TRP A 52 14.35 -18.03 -10.56
C TRP A 52 14.89 -16.98 -11.52
N THR A 53 14.11 -15.91 -11.75
CA THR A 53 14.55 -14.86 -12.64
C THR A 53 15.84 -14.22 -12.13
N GLY A 54 15.91 -13.92 -10.84
CA GLY A 54 17.10 -13.39 -10.23
C GLY A 54 17.77 -14.39 -9.31
N GLY A 55 18.19 -13.93 -8.14
CA GLY A 55 18.82 -14.80 -7.16
C GLY A 55 18.45 -14.46 -5.74
N ASN A 56 17.42 -13.65 -5.57
CA ASN A 56 17.02 -13.23 -4.25
C ASN A 56 16.63 -14.39 -3.37
N THR A 57 17.15 -14.44 -2.15
CA THR A 57 16.88 -15.52 -1.23
C THR A 57 16.25 -14.98 0.05
N TYR A 58 15.58 -15.87 0.78
CA TYR A 58 14.98 -15.51 2.06
C TYR A 58 14.90 -16.77 2.90
N TYR A 59 15.78 -16.89 3.89
CA TYR A 59 15.83 -18.06 4.76
C TYR A 59 15.03 -17.80 6.04
N ALA A 60 14.60 -18.89 6.67
CA ALA A 60 13.96 -18.78 7.96
C ALA A 60 14.93 -18.23 8.99
N GLU A 61 14.39 -17.53 9.99
CA GLU A 61 15.25 -16.87 10.97
C GLU A 61 16.14 -17.87 11.69
N SER A 62 15.57 -19.00 12.11
CA SER A 62 16.34 -19.97 12.88
C SER A 62 17.48 -20.57 12.05
N VAL A 63 17.20 -20.90 10.79
CA VAL A 63 18.17 -21.63 9.96
C VAL A 63 19.15 -20.72 9.24
N LYS A 64 18.94 -19.41 9.28
CA LYS A 64 19.83 -18.49 8.56
C LYS A 64 21.24 -18.57 9.11
N GLY A 65 22.22 -18.46 8.21
CA GLY A 65 23.62 -18.47 8.57
C GLY A 65 24.33 -19.78 8.28
N ARG A 66 23.59 -20.86 8.05
CA ARG A 66 24.21 -22.14 7.73
C ARG A 66 23.59 -22.74 6.47
N PHE A 67 22.34 -22.43 6.21
CA PHE A 67 21.63 -22.95 5.05
C PHE A 67 21.81 -22.00 3.88
N THR A 68 22.36 -22.50 2.78
CA THR A 68 22.55 -21.73 1.56
C THR A 68 21.81 -22.40 0.42
N ILE A 69 20.94 -21.65 -0.26
CA ILE A 69 20.13 -22.15 -1.35
C ILE A 69 20.54 -21.44 -2.62
N SER A 70 20.86 -22.22 -3.67
CA SER A 70 21.39 -21.68 -4.91
C SER A 70 20.69 -22.32 -6.09
N ARG A 71 20.12 -21.47 -6.96
CA ARG A 71 19.50 -21.94 -8.18
C ARG A 71 20.57 -22.39 -9.18
N ASP A 72 20.17 -23.32 -10.05
CA ASP A 72 21.06 -23.84 -11.08
C ASP A 72 20.31 -23.95 -12.41
N ASN A 73 19.79 -22.83 -12.90
CA ASN A 73 18.80 -22.83 -13.98
C ASN A 73 19.25 -23.67 -15.18
N ALA A 74 20.54 -23.80 -15.39
CA ALA A 74 21.04 -24.60 -16.49
C ALA A 74 20.44 -25.99 -16.43
N LYS A 75 20.58 -26.66 -15.30
CA LYS A 75 20.04 -28.01 -15.14
C LYS A 75 18.72 -28.04 -14.40
N ASN A 76 18.20 -26.88 -14.01
CA ASN A 76 16.91 -26.76 -13.32
C ASN A 76 16.99 -27.08 -11.87
N THR A 77 18.06 -27.70 -11.39
CA THR A 77 18.13 -28.16 -10.02
C THR A 77 18.24 -26.97 -9.06
N VAL A 78 17.83 -27.20 -7.82
CA VAL A 78 17.98 -26.23 -6.74
C VAL A 78 18.70 -26.93 -5.60
N TYR A 79 19.82 -26.35 -5.18
CA TYR A 79 20.69 -26.96 -4.17
C TYR A 79 20.52 -26.23 -2.83
N LEU A 80 20.35 -27.01 -1.77
CA LEU A 80 20.35 -26.49 -0.41
C LEU A 80 21.59 -27.04 0.29
N GLN A 81 22.48 -26.14 0.69
CA GLN A 81 23.71 -26.50 1.39
C GLN A 81 23.56 -26.17 2.86
N MET A 82 23.79 -27.17 3.72
CA MET A 82 23.60 -27.04 5.16
C MET A 82 24.87 -27.42 5.88
N ILE A 83 25.30 -26.58 6.81
CA ILE A 83 26.51 -26.83 7.60
C ILE A 83 26.17 -26.71 9.07
N SER A 84 26.97 -27.36 9.91
CA SER A 84 26.78 -27.35 11.36
C SER A 84 25.44 -27.99 11.73
N LEU A 85 25.29 -29.26 11.37
CA LEU A 85 24.06 -29.97 11.65
C LEU A 85 24.02 -30.46 13.09
N LYS A 86 22.81 -30.67 13.60
CA LYS A 86 22.62 -31.15 14.96
C LYS A 86 21.45 -32.12 15.00
N PRO A 87 21.37 -32.99 16.03
CA PRO A 87 20.30 -33.99 16.08
C PRO A 87 18.91 -33.41 16.19
N GLU A 88 18.76 -32.10 16.24
CA GLU A 88 17.44 -31.48 16.22
C GLU A 88 16.95 -31.17 14.82
N ASP A 89 17.78 -31.36 13.80
CA ASP A 89 17.41 -31.11 12.42
C ASP A 89 16.88 -32.35 11.72
N THR A 90 16.85 -33.49 12.39
CA THR A 90 16.27 -34.70 11.79
C THR A 90 14.83 -34.43 11.35
N ALA A 91 14.59 -34.51 10.06
CA ALA A 91 13.28 -34.19 9.49
C ALA A 91 13.25 -34.73 8.06
N VAL A 92 12.20 -34.35 7.33
CA VAL A 92 12.06 -34.68 5.91
C VAL A 92 11.87 -33.37 5.16
N TYR A 93 12.63 -33.18 4.09
CA TYR A 93 12.64 -31.94 3.34
C TYR A 93 11.85 -32.07 2.05
N TYR A 94 11.11 -31.02 1.71
CA TYR A 94 10.27 -30.99 0.52
C TYR A 94 10.54 -29.73 -0.28
N CYS A 95 10.54 -29.86 -1.60
CA CYS A 95 10.60 -28.71 -2.48
C CYS A 95 9.20 -28.14 -2.69
N ALA A 96 9.14 -26.92 -3.19
CA ALA A 96 7.84 -26.28 -3.46
C ALA A 96 8.07 -25.24 -4.56
N ALA A 97 7.71 -25.61 -5.79
CA ALA A 97 8.00 -24.81 -6.97
C ALA A 97 6.79 -23.96 -7.31
N ASP A 98 6.93 -22.64 -7.16
CA ASP A 98 5.89 -21.69 -7.56
C ASP A 98 5.93 -21.58 -9.08
N SER A 99 5.03 -22.30 -9.75
CA SER A 99 5.09 -22.39 -11.21
C SER A 99 5.01 -21.00 -11.85
N GLY A 100 3.88 -20.33 -11.67
CA GLY A 100 3.71 -18.97 -12.18
C GLY A 100 2.37 -18.80 -12.88
N GLY A 101 2.08 -17.53 -13.17
CA GLY A 101 0.85 -17.14 -13.82
C GLY A 101 -0.15 -16.58 -12.82
N ILE A 102 -1.31 -16.19 -13.36
CA ILE A 102 -2.42 -15.72 -12.54
C ILE A 102 -3.21 -16.93 -12.09
N ARG A 103 -3.35 -17.11 -10.78
CA ARG A 103 -3.98 -18.29 -10.23
C ARG A 103 -4.80 -17.93 -9.01
N LEU A 104 -5.78 -18.77 -8.71
CA LEU A 104 -6.54 -18.73 -7.47
C LEU A 104 -6.35 -20.06 -6.76
N GLY A 105 -5.92 -20.02 -5.50
CA GLY A 105 -5.66 -21.26 -4.79
C GLY A 105 -5.44 -21.01 -3.33
N ALA A 106 -5.14 -22.09 -2.62
CA ALA A 106 -4.94 -22.04 -1.18
C ALA A 106 -3.50 -21.80 -0.78
N SER A 107 -2.54 -22.33 -1.55
CA SER A 107 -1.13 -22.20 -1.26
C SER A 107 -0.40 -21.61 -2.46
N ARG A 108 0.56 -20.73 -2.18
CA ARG A 108 1.32 -20.10 -3.27
C ARG A 108 2.10 -21.14 -4.06
N TRP A 109 2.65 -22.14 -3.38
CA TRP A 109 3.51 -23.12 -4.02
C TRP A 109 2.65 -24.17 -4.72
N ASN A 110 2.64 -24.16 -6.01
CA ASN A 110 1.79 -25.04 -6.73
C ASN A 110 2.16 -26.49 -6.60
N TYR A 111 3.38 -26.85 -7.00
CA TYR A 111 3.80 -28.24 -7.08
C TYR A 111 4.82 -28.54 -6.00
N TRP A 112 4.79 -29.78 -5.51
CA TRP A 112 5.57 -30.21 -4.37
C TRP A 112 6.37 -31.45 -4.71
N GLY A 113 7.52 -31.59 -4.07
CA GLY A 113 8.35 -32.76 -4.25
C GLY A 113 7.87 -33.92 -3.40
N GLN A 114 8.58 -35.05 -3.53
CA GLN A 114 8.19 -36.26 -2.81
C GLN A 114 8.68 -36.24 -1.37
N GLY A 115 9.97 -35.99 -1.16
CA GLY A 115 10.53 -35.92 0.17
C GLY A 115 11.80 -36.71 0.34
N THR A 116 12.80 -36.09 0.96
CA THR A 116 14.08 -36.73 1.26
C THR A 116 14.26 -36.83 2.76
N GLN A 117 14.76 -37.97 3.23
CA GLN A 117 14.89 -38.25 4.65
C GLN A 117 16.25 -37.78 5.14
N VAL A 118 16.26 -36.84 6.09
CA VAL A 118 17.46 -36.40 6.78
C VAL A 118 17.33 -36.81 8.23
N THR A 119 18.34 -37.54 8.74
CA THR A 119 18.28 -38.12 10.08
C THR A 119 19.62 -37.87 10.77
N VAL A 120 19.73 -36.76 11.47
CA VAL A 120 20.95 -36.42 12.19
C VAL A 120 21.00 -37.22 13.49
N SER A 121 22.08 -37.96 13.70
CA SER A 121 22.23 -38.83 14.86
C SER A 121 23.70 -39.13 15.04
N SER A 122 24.01 -40.07 15.93
CA SER A 122 25.38 -40.48 16.17
C SER A 122 25.43 -41.82 16.90
N SER B 1 -35.18 18.16 -0.81
CA SER B 1 -34.85 17.73 -2.17
C SER B 1 -33.37 17.35 -2.27
N TRP B 2 -32.55 17.95 -1.42
CA TRP B 2 -31.11 17.70 -1.41
C TRP B 2 -30.72 16.60 -0.44
N ILE B 3 -31.67 15.99 0.27
CA ILE B 3 -31.34 15.02 1.30
C ILE B 3 -31.29 13.59 0.78
N TYR B 4 -32.00 13.29 -0.31
CA TYR B 4 -32.02 11.92 -0.81
C TYR B 4 -30.71 11.57 -1.52
N PRO B 5 -30.28 12.35 -2.52
CA PRO B 5 -29.00 12.02 -3.17
C PRO B 5 -27.82 12.05 -2.22
N THR B 6 -27.81 12.96 -1.24
CA THR B 6 -26.69 13.04 -0.32
C THR B 6 -26.71 11.94 0.72
N VAL B 7 -27.90 11.53 1.18
CA VAL B 7 -27.98 10.46 2.17
C VAL B 7 -27.43 9.16 1.57
N ILE B 8 -27.78 8.87 0.31
CA ILE B 8 -27.28 7.67 -0.33
C ILE B 8 -25.85 7.83 -0.83
N LEU B 9 -25.42 9.07 -1.11
CA LEU B 9 -24.03 9.29 -1.45
C LEU B 9 -23.14 9.23 -0.21
N CYS B 10 -23.66 9.53 0.96
CA CYS B 10 -22.88 9.41 2.17
C CYS B 10 -22.86 7.97 2.61
N LEU B 11 -23.96 7.25 2.49
CA LEU B 11 -23.96 5.83 2.83
C LEU B 11 -22.94 5.07 1.99
N PHE B 12 -22.88 5.37 0.70
CA PHE B 12 -21.90 4.73 -0.17
C PHE B 12 -20.47 5.08 0.27
N GLY B 13 -20.25 6.34 0.65
CA GLY B 13 -18.92 6.73 1.09
C GLY B 13 -18.50 6.06 2.37
N PHE B 14 -19.42 5.91 3.33
CA PHE B 14 -19.07 5.32 4.61
C PHE B 14 -18.74 3.84 4.48
N PHE B 15 -19.60 3.08 3.79
CA PHE B 15 -19.41 1.63 3.72
C PHE B 15 -18.21 1.26 2.88
N SER B 16 -17.98 1.98 1.78
CA SER B 16 -16.86 1.65 0.91
C SER B 16 -15.54 1.82 1.63
N MET B 17 -15.41 2.87 2.43
CA MET B 17 -14.17 3.18 3.12
C MET B 17 -14.06 2.51 4.49
N MET B 18 -15.09 1.80 4.94
CA MET B 18 -15.04 1.06 6.20
C MET B 18 -14.43 -0.32 5.95
N ARG B 19 -13.13 -0.31 5.69
CA ARG B 19 -12.38 -1.51 5.35
C ARG B 19 -11.43 -1.85 6.48
N PRO B 20 -11.75 -2.80 7.36
CA PRO B 20 -10.86 -3.07 8.51
C PRO B 20 -9.46 -3.45 8.12
N SER B 21 -9.27 -4.24 7.05
CA SER B 21 -7.95 -4.76 6.72
C SER B 21 -7.23 -3.88 5.72
N GLU B 22 -7.21 -2.56 5.96
CA GLU B 22 -6.29 -1.69 5.25
C GLU B 22 -4.93 -1.69 5.93
N PRO B 23 -4.88 -1.53 7.27
CA PRO B 23 -3.58 -1.55 7.96
C PRO B 23 -2.93 -2.93 7.93
N PHE B 24 -3.69 -3.96 8.30
CA PHE B 24 -3.19 -5.33 8.31
C PHE B 24 -3.18 -5.91 6.90
N LEU B 25 -2.43 -5.25 6.02
CA LEU B 25 -2.25 -5.68 4.65
C LEU B 25 -0.93 -6.42 4.45
N ILE B 26 0.17 -5.81 4.85
CA ILE B 26 1.50 -6.38 4.65
C ILE B 26 1.71 -7.49 5.67
N PRO B 27 1.28 -7.33 6.92
CA PRO B 27 1.25 -8.49 7.83
C PRO B 27 0.43 -9.64 7.28
N TYR B 28 -0.66 -9.33 6.56
CA TYR B 28 -1.44 -10.38 5.92
C TYR B 28 -0.69 -10.98 4.73
N LEU B 29 -0.12 -10.11 3.88
CA LEU B 29 0.56 -10.58 2.68
C LEU B 29 1.75 -11.47 3.05
N SER B 30 2.74 -10.90 3.74
CA SER B 30 3.95 -11.63 4.10
C SER B 30 3.71 -12.45 5.38
N GLY B 31 2.76 -13.38 5.27
CA GLY B 31 2.40 -14.23 6.39
C GLY B 31 2.23 -15.67 5.95
N PRO B 32 1.46 -16.46 6.70
CA PRO B 32 1.22 -17.85 6.33
C PRO B 32 0.10 -18.04 5.33
N ASP B 33 -0.55 -16.96 4.88
CA ASP B 33 -1.63 -17.05 3.91
C ASP B 33 -1.09 -16.95 2.49
N LYS B 34 -0.37 -15.87 2.18
CA LYS B 34 0.13 -15.60 0.84
C LYS B 34 1.62 -15.23 0.93
N GLN B 35 2.38 -16.06 1.64
CA GLN B 35 3.74 -15.73 2.03
C GLN B 35 4.54 -15.15 0.88
N LEU B 36 4.94 -13.88 1.02
CA LEU B 36 5.70 -13.16 0.00
C LEU B 36 6.87 -12.47 0.67
N THR B 37 8.06 -12.62 0.09
CA THR B 37 9.23 -11.98 0.64
C THR B 37 9.08 -10.47 0.62
N SER B 38 9.62 -9.81 1.65
CA SER B 38 9.55 -8.35 1.70
C SER B 38 10.23 -7.70 0.52
N ALA B 39 11.14 -8.41 -0.16
CA ALA B 39 11.72 -7.90 -1.38
C ALA B 39 10.80 -8.11 -2.58
N GLU B 40 9.81 -8.98 -2.46
CA GLU B 40 8.81 -9.19 -3.50
C GLU B 40 7.60 -8.28 -3.35
N ILE B 41 7.53 -7.50 -2.27
CA ILE B 41 6.44 -6.58 -2.03
C ILE B 41 6.87 -5.14 -2.19
N THR B 42 8.09 -4.81 -1.77
CA THR B 42 8.57 -3.44 -1.80
C THR B 42 9.25 -3.06 -3.11
N ASN B 43 9.39 -4.00 -4.04
CA ASN B 43 10.08 -3.72 -5.29
C ASN B 43 9.46 -4.39 -6.50
N GLU B 44 8.37 -5.11 -6.35
CA GLU B 44 7.69 -5.74 -7.48
C GLU B 44 6.19 -5.51 -7.50
N ILE B 45 5.55 -5.46 -6.34
CA ILE B 45 4.09 -5.38 -6.26
C ILE B 45 3.68 -3.93 -6.02
N PHE B 46 4.11 -3.38 -4.88
CA PHE B 46 3.66 -2.04 -4.50
C PHE B 46 3.95 -0.98 -5.56
N PRO B 47 5.11 -0.95 -6.21
CA PRO B 47 5.36 0.10 -7.20
C PRO B 47 4.32 0.17 -8.29
N VAL B 48 3.70 -0.95 -8.65
CA VAL B 48 2.72 -0.96 -9.74
C VAL B 48 1.53 -0.06 -9.43
N TRP B 49 1.26 0.20 -8.16
CA TRP B 49 0.11 1.04 -7.81
C TRP B 49 0.26 2.44 -8.39
N THR B 50 1.45 3.03 -8.26
CA THR B 50 1.67 4.37 -8.79
C THR B 50 1.79 4.39 -10.30
N TYR B 51 2.18 3.27 -10.92
CA TYR B 51 2.23 3.21 -12.37
C TYR B 51 0.83 3.17 -12.97
N SER B 52 -0.05 2.34 -12.40
CA SER B 52 -1.42 2.25 -12.90
C SER B 52 -2.25 3.46 -12.49
N TYR B 53 -2.00 4.01 -11.30
CA TYR B 53 -2.72 5.21 -10.88
C TYR B 53 -2.44 6.37 -11.83
N LEU B 54 -1.18 6.55 -12.21
CA LEU B 54 -0.82 7.63 -13.14
C LEU B 54 -1.50 7.43 -14.49
N VAL B 55 -1.47 6.21 -15.02
CA VAL B 55 -1.98 5.96 -16.36
C VAL B 55 -3.49 6.20 -16.41
N LEU B 56 -4.23 5.64 -15.45
CA LEU B 56 -5.69 5.73 -15.43
C LEU B 56 -6.17 6.91 -14.61
N LEU B 57 -5.65 8.10 -14.88
CA LEU B 57 -6.10 9.32 -14.21
C LEU B 57 -6.75 10.29 -15.18
N LEU B 58 -6.06 10.70 -16.24
CA LEU B 58 -6.68 11.55 -17.25
C LEU B 58 -7.82 10.85 -17.96
N PRO B 59 -7.69 9.58 -18.40
CA PRO B 59 -8.83 8.93 -19.06
C PRO B 59 -10.06 8.85 -18.17
N VAL B 60 -9.87 8.64 -16.87
CA VAL B 60 -11.01 8.57 -15.96
C VAL B 60 -11.54 9.97 -15.66
N PHE B 61 -10.67 10.96 -15.56
CA PHE B 61 -11.13 12.33 -15.33
C PHE B 61 -11.99 12.82 -16.49
N VAL B 62 -11.56 12.55 -17.72
CA VAL B 62 -12.34 12.96 -18.88
C VAL B 62 -13.62 12.12 -18.98
N LEU B 63 -13.52 10.82 -18.70
CA LEU B 63 -14.69 9.96 -18.78
C LEU B 63 -15.76 10.37 -17.78
N THR B 64 -15.34 10.71 -16.56
CA THR B 64 -16.31 11.04 -15.52
C THR B 64 -17.24 12.16 -15.94
N ASP B 65 -16.76 13.10 -16.76
CA ASP B 65 -17.56 14.23 -17.18
C ASP B 65 -18.44 13.91 -18.38
N TYR B 66 -17.92 13.19 -19.38
CA TYR B 66 -18.71 12.89 -20.57
C TYR B 66 -19.93 12.06 -20.18
N VAL B 67 -19.70 10.84 -19.70
CA VAL B 67 -20.76 10.07 -19.06
C VAL B 67 -20.90 10.60 -17.64
N ARG B 68 -22.12 10.96 -17.26
CA ARG B 68 -22.34 11.70 -16.02
C ARG B 68 -21.70 10.97 -14.84
N TYR B 69 -21.55 11.66 -13.72
CA TYR B 69 -20.60 11.25 -12.69
C TYR B 69 -20.94 9.90 -12.06
N LYS B 70 -22.17 9.39 -12.24
CA LYS B 70 -22.57 8.19 -11.51
C LYS B 70 -21.98 6.93 -12.12
N PRO B 71 -22.17 6.66 -13.43
CA PRO B 71 -21.59 5.45 -14.02
C PRO B 71 -20.15 5.18 -13.61
N VAL B 72 -19.34 6.22 -13.37
CA VAL B 72 -17.99 5.99 -12.88
C VAL B 72 -18.03 5.54 -11.42
N ILE B 73 -18.97 6.05 -10.63
CA ILE B 73 -19.09 5.63 -9.24
C ILE B 73 -19.35 4.13 -9.17
N ILE B 74 -20.22 3.63 -10.05
CA ILE B 74 -20.49 2.19 -10.09
C ILE B 74 -19.22 1.44 -10.47
N LEU B 75 -18.46 1.98 -11.41
CA LEU B 75 -17.21 1.32 -11.81
C LEU B 75 -16.24 1.24 -10.65
N GLN B 76 -16.16 2.29 -9.83
CA GLN B 76 -15.36 2.22 -8.62
C GLN B 76 -15.88 1.15 -7.68
N GLY B 77 -17.20 1.00 -7.59
CA GLY B 77 -17.77 -0.04 -6.75
C GLY B 77 -17.41 -1.43 -7.23
N ILE B 78 -17.43 -1.64 -8.55
CA ILE B 78 -17.10 -2.95 -9.10
C ILE B 78 -15.61 -3.24 -8.91
N SER B 79 -14.76 -2.23 -9.15
CA SER B 79 -13.33 -2.44 -8.95
C SER B 79 -12.99 -2.70 -7.49
N PHE B 80 -13.81 -2.23 -6.56
CA PHE B 80 -13.62 -2.56 -5.15
C PHE B 80 -13.81 -4.06 -4.92
N ILE B 81 -14.81 -4.66 -5.56
CA ILE B 81 -15.07 -6.09 -5.37
C ILE B 81 -13.97 -6.91 -6.02
N ILE B 82 -13.57 -6.56 -7.24
CA ILE B 82 -12.54 -7.33 -7.94
C ILE B 82 -11.22 -7.26 -7.18
N THR B 83 -10.90 -6.10 -6.62
CA THR B 83 -9.64 -5.96 -5.89
C THR B 83 -9.62 -6.85 -4.66
N TRP B 84 -10.73 -7.00 -3.95
CA TRP B 84 -10.75 -7.78 -2.70
C TRP B 84 -11.11 -9.20 -2.95
N LEU B 85 -11.56 -9.54 -4.14
CA LEU B 85 -11.76 -10.95 -4.44
C LEU B 85 -10.46 -11.63 -4.82
N LEU B 86 -9.55 -10.91 -5.49
CA LEU B 86 -8.21 -11.44 -5.73
C LEU B 86 -7.34 -11.36 -4.48
N LEU B 87 -7.56 -10.34 -3.65
CA LEU B 87 -6.81 -10.23 -2.39
C LEU B 87 -7.18 -11.31 -1.39
N LEU B 88 -8.32 -11.99 -1.59
CA LEU B 88 -8.73 -13.08 -0.71
C LEU B 88 -8.19 -14.41 -1.20
N PHE B 89 -8.47 -14.77 -2.45
CA PHE B 89 -8.10 -16.06 -3.00
C PHE B 89 -6.90 -16.02 -3.92
N GLY B 90 -6.73 -14.95 -4.69
CA GLY B 90 -5.62 -14.86 -5.62
C GLY B 90 -4.28 -14.94 -4.94
N GLN B 91 -3.44 -15.88 -5.36
CA GLN B 91 -2.14 -16.11 -4.75
C GLN B 91 -1.06 -16.12 -5.81
N GLY B 92 0.14 -15.70 -5.40
CA GLY B 92 1.27 -15.61 -6.29
C GLY B 92 1.94 -14.26 -6.12
N VAL B 93 2.76 -13.90 -7.10
CA VAL B 93 3.38 -12.58 -7.13
C VAL B 93 2.86 -11.81 -8.33
N LYS B 94 2.51 -12.54 -9.40
CA LYS B 94 1.93 -11.91 -10.57
C LYS B 94 0.47 -11.54 -10.34
N THR B 95 -0.26 -12.35 -9.56
CA THR B 95 -1.65 -12.02 -9.28
C THR B 95 -1.78 -10.76 -8.42
N MET B 96 -0.77 -10.47 -7.61
CA MET B 96 -0.80 -9.27 -6.79
C MET B 96 -0.53 -8.01 -7.59
N GLN B 97 0.24 -8.11 -8.68
CA GLN B 97 0.42 -6.97 -9.56
C GLN B 97 -0.90 -6.58 -10.20
N VAL B 98 -1.72 -7.57 -10.57
CA VAL B 98 -3.04 -7.27 -11.10
C VAL B 98 -3.90 -6.58 -10.05
N VAL B 99 -3.83 -7.04 -8.80
CA VAL B 99 -4.60 -6.42 -7.73
C VAL B 99 -4.23 -4.96 -7.58
N GLU B 100 -2.93 -4.64 -7.68
CA GLU B 100 -2.50 -3.25 -7.57
C GLU B 100 -3.08 -2.42 -8.70
N PHE B 101 -3.12 -2.97 -9.91
CA PHE B 101 -3.68 -2.23 -11.04
C PHE B 101 -5.16 -1.92 -10.79
N PHE B 102 -5.92 -2.91 -10.32
CA PHE B 102 -7.32 -2.68 -10.03
C PHE B 102 -7.53 -1.74 -8.85
N TYR B 103 -6.51 -1.58 -7.99
CA TYR B 103 -6.56 -0.55 -6.98
C TYR B 103 -6.22 0.83 -7.54
N GLY B 104 -5.60 0.88 -8.72
CA GLY B 104 -5.47 2.15 -9.41
C GLY B 104 -6.80 2.68 -9.90
N MET B 105 -7.64 1.79 -10.43
CA MET B 105 -9.00 2.19 -10.82
C MET B 105 -9.81 2.61 -9.60
N VAL B 106 -9.65 1.89 -8.48
CA VAL B 106 -10.41 2.21 -7.27
C VAL B 106 -10.05 3.61 -6.78
N THR B 107 -8.76 3.93 -6.75
CA THR B 107 -8.33 5.22 -6.22
C THR B 107 -8.41 6.33 -7.26
N ALA B 108 -8.20 6.01 -8.54
CA ALA B 108 -8.27 7.02 -9.58
C ALA B 108 -9.70 7.44 -9.90
N ALA B 109 -10.68 6.61 -9.55
CA ALA B 109 -12.08 6.95 -9.78
C ALA B 109 -12.69 7.72 -8.60
N GLU B 110 -11.89 8.05 -7.60
CA GLU B 110 -12.39 8.83 -6.47
C GLU B 110 -12.73 10.26 -6.86
N VAL B 111 -12.32 10.72 -8.04
CA VAL B 111 -12.66 12.07 -8.48
C VAL B 111 -14.16 12.18 -8.73
N ALA B 112 -14.78 11.11 -9.24
CA ALA B 112 -16.21 11.14 -9.54
C ALA B 112 -17.09 11.07 -8.30
N TYR B 113 -16.52 10.78 -7.13
CA TYR B 113 -17.32 10.71 -5.91
C TYR B 113 -17.55 12.10 -5.33
N TYR B 114 -16.48 12.90 -5.20
CA TYR B 114 -16.62 14.23 -4.64
C TYR B 114 -17.22 15.21 -5.65
N ALA B 115 -16.93 15.04 -6.94
CA ALA B 115 -17.45 15.94 -7.96
C ALA B 115 -18.90 15.64 -8.33
N TYR B 116 -19.42 14.47 -7.95
CA TYR B 116 -20.79 14.12 -8.33
C TYR B 116 -21.79 15.08 -7.70
N ILE B 117 -21.60 15.43 -6.43
CA ILE B 117 -22.61 16.20 -5.71
C ILE B 117 -22.85 17.57 -6.34
N TYR B 118 -21.86 18.12 -7.05
CA TYR B 118 -22.04 19.44 -7.64
C TYR B 118 -23.15 19.43 -8.69
N SER B 119 -23.29 18.33 -9.42
CA SER B 119 -24.21 18.26 -10.55
C SER B 119 -25.65 17.93 -10.14
N VAL B 120 -25.88 17.50 -8.91
CA VAL B 120 -27.21 17.07 -8.48
C VAL B 120 -27.75 17.89 -7.31
N VAL B 121 -26.91 18.67 -6.63
CA VAL B 121 -27.34 19.46 -5.48
C VAL B 121 -27.38 20.93 -5.89
N SER B 122 -28.34 21.64 -5.33
CA SER B 122 -28.51 23.05 -5.64
C SER B 122 -27.24 23.81 -5.24
N PRO B 123 -26.89 24.87 -5.97
CA PRO B 123 -25.57 25.50 -5.74
C PRO B 123 -25.41 26.12 -4.38
N GLU B 124 -26.49 26.41 -3.66
CA GLU B 124 -26.36 27.02 -2.34
C GLU B 124 -25.88 26.01 -1.30
N HIS B 125 -26.41 24.79 -1.35
CA HIS B 125 -26.00 23.73 -0.42
C HIS B 125 -24.87 22.89 -1.02
N TYR B 126 -23.79 23.56 -1.43
CA TYR B 126 -22.65 22.85 -2.00
C TYR B 126 -21.52 22.68 -1.00
N GLN B 127 -21.18 23.71 -0.22
CA GLN B 127 -20.19 23.57 0.83
C GLN B 127 -20.76 22.88 2.07
N ARG B 128 -22.03 23.12 2.39
CA ARG B 128 -22.67 22.39 3.47
C ARG B 128 -22.69 20.89 3.18
N VAL B 129 -23.13 20.51 1.99
CA VAL B 129 -23.24 19.10 1.64
C VAL B 129 -21.86 18.48 1.46
N SER B 130 -20.93 19.21 0.86
CA SER B 130 -19.59 18.67 0.63
C SER B 130 -18.92 18.28 1.94
N GLY B 131 -19.15 19.05 3.00
CA GLY B 131 -18.61 18.67 4.30
C GLY B 131 -19.18 17.36 4.81
N TYR B 132 -20.48 17.15 4.59
CA TYR B 132 -21.12 15.91 5.05
C TYR B 132 -20.51 14.70 4.35
N CYS B 133 -20.19 14.80 3.06
CA CYS B 133 -19.70 13.66 2.31
C CYS B 133 -18.21 13.52 2.40
N ARG B 134 -17.55 14.44 3.09
CA ARG B 134 -16.12 14.35 3.31
C ARG B 134 -15.75 13.91 4.73
N SER B 135 -16.55 14.31 5.72
CA SER B 135 -16.29 13.88 7.10
C SER B 135 -16.68 12.43 7.33
N VAL B 136 -17.66 11.93 6.58
CA VAL B 136 -18.08 10.54 6.76
C VAL B 136 -16.95 9.60 6.35
N THR B 137 -16.18 9.96 5.33
CA THR B 137 -15.05 9.13 4.94
C THR B 137 -14.02 9.02 6.06
N LEU B 138 -13.69 10.14 6.71
CA LEU B 138 -12.75 10.10 7.83
C LEU B 138 -13.33 9.30 8.99
N ALA B 139 -14.62 9.49 9.29
CA ALA B 139 -15.24 8.71 10.37
C ALA B 139 -15.31 7.23 10.02
N ALA B 140 -15.45 6.91 8.74
CA ALA B 140 -15.48 5.51 8.33
C ALA B 140 -14.10 4.86 8.49
N TYR B 141 -13.05 5.53 8.00
CA TYR B 141 -11.71 4.96 8.09
C TYR B 141 -11.26 4.83 9.53
N THR B 142 -11.49 5.86 10.35
CA THR B 142 -11.13 5.78 11.76
C THR B 142 -11.92 4.68 12.47
N ALA B 143 -13.21 4.57 12.18
CA ALA B 143 -14.01 3.51 12.79
C ALA B 143 -13.55 2.14 12.33
N GLY B 144 -13.20 2.00 11.04
CA GLY B 144 -12.72 0.72 10.56
C GLY B 144 -11.39 0.31 11.17
N SER B 145 -10.45 1.26 11.25
CA SER B 145 -9.14 0.94 11.78
C SER B 145 -9.22 0.52 13.25
N VAL B 146 -10.04 1.21 14.04
CA VAL B 146 -10.21 0.85 15.44
C VAL B 146 -10.77 -0.57 15.55
N LEU B 147 -11.70 -0.93 14.66
CA LEU B 147 -12.25 -2.27 14.67
C LEU B 147 -11.19 -3.32 14.31
N ALA B 148 -10.27 -2.97 13.42
CA ALA B 148 -9.22 -3.91 13.04
C ALA B 148 -8.38 -4.30 14.24
N GLN B 149 -7.95 -3.31 15.02
CA GLN B 149 -7.15 -3.55 16.24
C GLN B 149 -8.03 -3.83 17.44
N LEU B 150 -9.30 -4.18 17.21
CA LEU B 150 -10.20 -4.55 18.29
C LEU B 150 -10.57 -6.02 18.17
N LEU B 151 -10.57 -6.52 16.94
CA LEU B 151 -10.80 -7.94 16.70
C LEU B 151 -9.50 -8.75 16.69
N VAL B 152 -8.40 -8.14 16.23
CA VAL B 152 -7.13 -8.85 16.20
C VAL B 152 -6.50 -9.00 17.58
N SER B 153 -6.85 -8.13 18.52
CA SER B 153 -6.28 -8.15 19.86
C SER B 153 -7.20 -8.78 20.89
N LEU B 154 -8.48 -8.39 20.91
CA LEU B 154 -9.41 -8.90 21.89
C LEU B 154 -10.23 -10.08 21.39
N ALA B 155 -10.47 -10.18 20.08
CA ALA B 155 -11.28 -11.26 19.53
C ALA B 155 -10.46 -12.35 18.87
N GLN B 156 -9.22 -12.07 18.49
CA GLN B 156 -8.32 -13.06 17.90
C GLN B 156 -8.75 -13.48 16.49
N MET B 157 -9.28 -12.52 15.72
CA MET B 157 -9.71 -12.82 14.36
C MET B 157 -8.51 -12.81 13.43
N SER B 158 -8.27 -13.94 12.75
CA SER B 158 -7.14 -14.06 11.85
C SER B 158 -7.14 -12.94 10.82
N TYR B 159 -5.99 -12.65 10.24
CA TYR B 159 -5.92 -11.59 9.24
C TYR B 159 -6.74 -11.91 8.00
N PHE B 160 -7.10 -13.17 7.79
CA PHE B 160 -7.96 -13.52 6.67
C PHE B 160 -9.39 -13.08 6.91
N TYR B 161 -9.89 -13.26 8.13
CA TYR B 161 -11.25 -12.82 8.44
C TYR B 161 -11.26 -11.33 8.78
N LEU B 162 -10.61 -10.54 7.93
CA LEU B 162 -10.81 -9.11 7.86
C LEU B 162 -10.99 -8.63 6.43
N ASN B 163 -10.54 -9.46 5.47
CA ASN B 163 -10.75 -9.20 4.06
C ASN B 163 -12.15 -9.70 3.75
N VAL B 164 -12.64 -10.69 4.47
CA VAL B 164 -14.02 -11.13 4.36
C VAL B 164 -14.97 -10.05 4.87
N ILE B 165 -14.63 -9.44 6.01
CA ILE B 165 -15.42 -8.31 6.51
C ILE B 165 -15.23 -7.09 5.60
N SER B 166 -14.00 -6.87 5.14
CA SER B 166 -13.76 -5.75 4.22
C SER B 166 -14.50 -5.98 2.91
N LEU B 167 -14.49 -7.21 2.39
CA LEU B 167 -15.22 -7.49 1.17
C LEU B 167 -16.71 -7.25 1.34
N ALA B 168 -17.26 -7.66 2.49
CA ALA B 168 -18.68 -7.43 2.75
C ALA B 168 -18.99 -5.94 2.84
N SER B 169 -18.08 -5.17 3.42
CA SER B 169 -18.30 -3.73 3.54
C SER B 169 -18.36 -3.06 2.18
N VAL B 170 -17.35 -3.30 1.34
CA VAL B 170 -17.35 -2.72 0.00
C VAL B 170 -18.43 -3.35 -0.86
N SER B 171 -18.75 -4.63 -0.62
CA SER B 171 -19.81 -5.28 -1.38
C SER B 171 -21.16 -4.64 -1.11
N VAL B 172 -21.36 -4.10 0.10
CA VAL B 172 -22.59 -3.38 0.39
C VAL B 172 -22.53 -1.95 -0.11
N ALA B 173 -21.33 -1.40 -0.32
CA ALA B 173 -21.21 -0.09 -0.94
C ALA B 173 -21.77 -0.12 -2.35
N PHE B 174 -21.52 -1.20 -3.09
CA PHE B 174 -22.08 -1.37 -4.42
C PHE B 174 -23.47 -1.99 -4.30
N LEU B 175 -24.29 -1.43 -3.42
CA LEU B 175 -25.72 -1.72 -3.39
C LEU B 175 -26.48 -0.40 -3.27
N PHE B 176 -25.86 0.58 -2.62
CA PHE B 176 -26.36 1.95 -2.62
C PHE B 176 -25.87 2.75 -3.81
N SER B 177 -24.76 2.32 -4.42
CA SER B 177 -24.22 3.02 -5.58
C SER B 177 -25.11 2.88 -6.82
N LEU B 178 -26.10 2.00 -6.78
CA LEU B 178 -27.05 1.85 -7.86
C LEU B 178 -28.30 2.69 -7.65
N PHE B 179 -28.39 3.44 -6.56
CA PHE B 179 -29.60 4.16 -6.21
C PHE B 179 -29.45 5.68 -6.20
N LEU B 180 -28.27 6.20 -6.48
CA LEU B 180 -28.11 7.65 -6.56
C LEU B 180 -28.89 8.17 -7.77
N PRO B 181 -29.54 9.32 -7.67
CA PRO B 181 -30.18 9.91 -8.86
C PRO B 181 -29.15 10.18 -9.94
N MET B 182 -29.57 9.99 -11.19
CA MET B 182 -28.67 10.19 -12.32
C MET B 182 -28.57 11.68 -12.66
N PRO B 183 -27.39 12.29 -12.59
CA PRO B 183 -27.28 13.71 -12.93
C PRO B 183 -27.66 13.95 -14.38
N LYS B 184 -28.17 15.15 -14.65
CA LYS B 184 -28.58 15.55 -15.99
C LYS B 184 -27.71 16.63 -16.59
N LYS B 185 -26.69 17.10 -15.87
CA LYS B 185 -25.79 18.12 -16.41
C LYS B 185 -24.40 17.92 -15.83
N SER B 186 -23.39 17.89 -16.70
CA SER B 186 -22.00 17.80 -16.28
C SER B 186 -21.42 19.20 -16.16
N MET B 187 -20.10 19.29 -16.04
CA MET B 187 -19.43 20.58 -15.86
C MET B 187 -18.99 21.18 -17.19
N PHE B 188 -18.21 20.41 -17.94
CA PHE B 188 -17.71 20.89 -19.21
C PHE B 188 -18.40 20.32 -20.42
N PHE B 189 -18.59 19.01 -20.49
CA PHE B 189 -19.11 18.38 -21.70
C PHE B 189 -20.60 18.64 -21.88
N HIS B 190 -21.41 18.36 -20.87
CA HIS B 190 -22.85 18.41 -20.97
C HIS B 190 -23.46 19.66 -20.35
N ALA B 191 -22.64 20.60 -19.87
CA ALA B 191 -23.16 21.82 -19.27
C ALA B 191 -23.75 22.72 -20.33
N GLU B 261 -3.93 29.32 -18.11
CA GLU B 261 -3.98 30.78 -18.13
C GLU B 261 -4.25 31.33 -16.74
N CYS B 262 -5.03 30.64 -15.92
CA CYS B 262 -5.28 31.08 -14.54
C CYS B 262 -4.06 30.83 -13.66
N TYR B 263 -3.15 29.95 -14.07
CA TYR B 263 -1.94 29.74 -13.31
C TYR B 263 -1.03 30.96 -13.29
N SER B 264 -1.27 31.93 -14.18
CA SER B 264 -0.44 33.13 -14.21
C SER B 264 -0.49 33.90 -12.90
N SER B 265 -1.54 33.70 -12.10
CA SER B 265 -1.59 34.32 -10.79
C SER B 265 -0.41 33.85 -9.95
N LYS B 266 0.24 34.77 -9.25
CA LYS B 266 1.43 34.39 -8.51
C LYS B 266 1.12 33.37 -7.45
N ARG B 267 0.07 33.57 -6.69
CA ARG B 267 -0.21 32.65 -5.60
C ARG B 267 -0.61 31.27 -6.12
N LEU B 268 -1.45 31.22 -7.15
CA LEU B 268 -2.00 29.94 -7.58
C LEU B 268 -0.94 28.99 -8.13
N PHE B 269 0.20 29.52 -8.60
CA PHE B 269 1.27 28.67 -9.10
C PHE B 269 2.21 28.25 -7.97
N TYR B 270 2.71 29.22 -7.21
CA TYR B 270 3.60 28.89 -6.10
C TYR B 270 2.90 27.99 -5.09
N TRP B 271 1.65 28.31 -4.74
CA TRP B 271 0.93 27.50 -3.78
C TRP B 271 0.52 26.14 -4.34
N SER B 272 0.53 25.99 -5.67
CA SER B 272 0.28 24.69 -6.28
C SER B 272 1.55 23.86 -6.41
N LEU B 273 2.71 24.51 -6.51
CA LEU B 273 3.96 23.77 -6.58
C LEU B 273 4.20 22.98 -5.29
N TRP B 274 3.95 23.61 -4.14
CA TRP B 274 4.11 22.89 -2.88
C TRP B 274 3.05 21.80 -2.73
N TRP B 275 1.80 22.09 -3.15
CA TRP B 275 0.76 21.07 -3.08
C TRP B 275 1.10 19.86 -3.93
N ALA B 276 1.60 20.11 -5.16
CA ALA B 276 1.97 19.00 -6.03
C ALA B 276 3.16 18.23 -5.47
N PHE B 277 4.20 18.94 -4.99
CA PHE B 277 5.39 18.27 -4.51
C PHE B 277 5.14 17.58 -3.17
N ALA B 278 4.47 18.28 -2.24
CA ALA B 278 4.27 17.72 -0.91
C ALA B 278 3.37 16.48 -0.96
N THR B 279 2.29 16.54 -1.74
CA THR B 279 1.40 15.38 -1.84
C THR B 279 2.04 14.24 -2.62
N ALA B 280 3.02 14.54 -3.48
CA ALA B 280 3.72 13.47 -4.19
C ALA B 280 4.49 12.59 -3.22
N GLY B 281 5.16 13.20 -2.23
CA GLY B 281 5.88 12.41 -1.25
C GLY B 281 4.99 11.79 -0.20
N PHE B 282 3.87 12.44 0.11
CA PHE B 282 2.96 11.89 1.12
C PHE B 282 2.38 10.55 0.67
N ASN B 283 2.03 10.43 -0.59
CA ASN B 283 1.50 9.19 -1.08
C ASN B 283 2.54 8.09 -1.06
N GLN B 284 3.79 8.43 -1.40
CA GLN B 284 4.86 7.44 -1.38
C GLN B 284 5.14 6.96 0.04
N VAL B 285 5.17 7.88 1.01
CA VAL B 285 5.43 7.48 2.39
C VAL B 285 4.34 6.56 2.90
N LEU B 286 3.08 6.90 2.60
CA LEU B 286 1.97 6.03 3.02
C LEU B 286 2.11 4.64 2.41
N ASN B 287 2.55 4.54 1.17
CA ASN B 287 2.65 3.25 0.52
C ASN B 287 3.69 2.39 1.24
N TYR B 288 4.95 2.87 1.29
CA TYR B 288 6.03 2.09 1.88
C TYR B 288 6.27 2.54 3.32
N VAL B 289 5.30 2.26 4.18
CA VAL B 289 5.41 2.49 5.61
C VAL B 289 5.19 1.21 6.41
N GLN B 290 4.17 0.43 6.05
CA GLN B 290 3.91 -0.81 6.77
C GLN B 290 5.08 -1.78 6.63
N ILE B 291 5.87 -1.66 5.57
CA ILE B 291 7.09 -2.47 5.46
C ILE B 291 8.09 -2.04 6.53
N LEU B 292 8.20 -0.73 6.78
CA LEU B 292 9.11 -0.25 7.81
C LEU B 292 8.71 -0.78 9.18
N TRP B 293 7.43 -0.74 9.50
CA TRP B 293 6.97 -1.28 10.78
C TRP B 293 7.28 -2.78 10.88
N ASP B 294 7.00 -3.52 9.81
CA ASP B 294 7.30 -4.94 9.82
C ASP B 294 8.81 -5.19 9.83
N TYR B 295 9.60 -4.27 9.29
CA TYR B 295 11.05 -4.44 9.31
C TYR B 295 11.62 -4.20 10.69
N LYS B 296 11.14 -3.16 11.39
CA LYS B 296 11.64 -2.85 12.74
C LYS B 296 11.10 -3.80 13.79
N ALA B 297 9.99 -4.48 13.52
CA ALA B 297 9.40 -5.42 14.45
C ALA B 297 8.55 -6.43 13.67
N PRO B 298 9.10 -7.59 13.32
CA PRO B 298 8.34 -8.53 12.48
C PRO B 298 7.01 -8.91 13.14
N SER B 299 5.97 -9.01 12.30
CA SER B 299 4.64 -9.30 12.80
C SER B 299 4.52 -10.70 13.39
N GLN B 300 5.39 -11.63 12.97
CA GLN B 300 5.34 -13.00 13.45
C GLN B 300 6.06 -13.20 14.78
N ASP B 301 6.77 -12.19 15.26
CA ASP B 301 7.53 -12.28 16.51
C ASP B 301 6.95 -11.43 17.63
N SER B 302 6.42 -10.25 17.31
CA SER B 302 5.92 -9.33 18.34
C SER B 302 4.57 -8.77 17.87
N SER B 303 3.79 -8.33 18.85
CA SER B 303 2.48 -7.75 18.54
C SER B 303 2.65 -6.48 17.72
N ILE B 304 1.73 -6.26 16.79
CA ILE B 304 1.74 -5.09 15.91
C ILE B 304 0.44 -4.33 16.11
N TYR B 305 0.55 -3.07 16.51
CA TYR B 305 -0.60 -2.19 16.64
C TYR B 305 -0.70 -1.26 15.43
N ASN B 306 -0.95 -1.85 14.27
CA ASN B 306 -1.06 -1.05 13.07
C ASN B 306 -2.49 -0.55 12.86
N GLY B 307 -3.46 -1.03 13.64
CA GLY B 307 -4.82 -0.53 13.52
C GLY B 307 -5.06 0.66 14.42
N ALA B 308 -4.65 0.56 15.68
CA ALA B 308 -4.77 1.68 16.59
C ALA B 308 -3.93 2.87 16.13
N VAL B 309 -2.72 2.60 15.65
CA VAL B 309 -1.84 3.67 15.18
C VAL B 309 -2.48 4.38 13.99
N GLU B 310 -3.04 3.61 13.04
CA GLU B 310 -3.70 4.22 11.90
C GLU B 310 -4.91 5.02 12.33
N ALA B 311 -5.69 4.50 13.28
CA ALA B 311 -6.86 5.23 13.75
C ALA B 311 -6.48 6.53 14.44
N ILE B 312 -5.45 6.49 15.28
CA ILE B 312 -5.03 7.70 15.99
C ILE B 312 -4.44 8.71 15.02
N ALA B 313 -3.64 8.24 14.06
CA ALA B 313 -3.07 9.15 13.08
C ALA B 313 -4.15 9.80 12.23
N THR B 314 -5.15 9.03 11.81
CA THR B 314 -6.24 9.60 11.01
C THR B 314 -7.02 10.64 11.80
N PHE B 315 -7.31 10.35 13.07
CA PHE B 315 -7.98 11.33 13.92
C PHE B 315 -7.10 12.56 14.14
N GLY B 316 -5.79 12.35 14.32
CA GLY B 316 -4.90 13.48 14.49
C GLY B 316 -4.90 14.40 13.28
N GLY B 317 -4.91 13.82 12.08
CA GLY B 317 -5.01 14.64 10.89
C GLY B 317 -6.35 15.34 10.77
N ALA B 318 -7.43 14.65 11.10
CA ALA B 318 -8.76 15.23 10.97
C ALA B 318 -8.92 16.45 11.88
N VAL B 319 -8.45 16.34 13.14
CA VAL B 319 -8.55 17.48 14.04
C VAL B 319 -7.62 18.60 13.61
N ALA B 320 -6.44 18.26 13.09
CA ALA B 320 -5.50 19.28 12.64
C ALA B 320 -6.08 20.09 11.49
N ALA B 321 -6.68 19.41 10.52
CA ALA B 321 -7.29 20.12 9.39
C ALA B 321 -8.44 21.00 9.85
N PHE B 322 -9.25 20.52 10.79
CA PHE B 322 -10.33 21.33 11.33
C PHE B 322 -9.79 22.55 12.06
N ALA B 323 -8.66 22.40 12.75
CA ALA B 323 -8.08 23.53 13.48
C ALA B 323 -7.72 24.66 12.52
N VAL B 324 -7.13 24.33 11.37
CA VAL B 324 -6.79 25.36 10.39
C VAL B 324 -8.06 26.07 9.91
N GLY B 325 -9.18 25.36 9.87
CA GLY B 325 -10.44 25.96 9.48
C GLY B 325 -11.14 26.72 10.57
N TYR B 326 -10.57 26.76 11.77
CA TYR B 326 -11.13 27.49 12.90
C TYR B 326 -10.37 28.76 13.22
N VAL B 327 -9.04 28.72 13.27
CA VAL B 327 -8.25 29.91 13.53
C VAL B 327 -8.37 30.87 12.36
N LYS B 328 -8.37 32.17 12.67
CA LYS B 328 -8.49 33.22 11.67
C LYS B 328 -7.19 34.02 11.65
N VAL B 329 -6.24 33.54 10.86
CA VAL B 329 -4.97 34.23 10.63
C VAL B 329 -4.76 34.34 9.13
N ASN B 330 -4.33 35.51 8.67
CA ASN B 330 -4.12 35.74 7.26
C ASN B 330 -2.99 34.93 6.77
N TRP B 331 -3.29 33.88 6.01
CA TRP B 331 -2.23 33.03 5.51
C TRP B 331 -1.57 33.63 4.29
N ASP B 332 -1.19 34.90 4.37
CA ASP B 332 -0.47 35.60 3.31
C ASP B 332 0.91 36.05 3.78
N LEU B 333 0.98 36.74 4.91
CA LEU B 333 2.27 37.11 5.48
C LEU B 333 2.84 36.00 6.37
N LEU B 334 1.97 35.17 6.95
CA LEU B 334 2.39 34.04 7.77
C LEU B 334 1.99 32.72 7.13
N GLY B 335 1.95 32.67 5.81
CA GLY B 335 1.63 31.46 5.09
C GLY B 335 2.86 30.69 4.69
N GLU B 336 3.82 31.37 4.05
CA GLU B 336 5.05 30.70 3.65
C GLU B 336 5.81 30.17 4.85
N LEU B 337 5.91 30.97 5.92
CA LEU B 337 6.61 30.54 7.12
C LEU B 337 5.93 29.32 7.74
N ALA B 338 4.59 29.31 7.74
CA ALA B 338 3.86 28.18 8.30
C ALA B 338 3.96 26.92 7.46
N LEU B 339 4.51 27.01 6.25
CA LEU B 339 4.71 25.84 5.40
C LEU B 339 6.15 25.38 5.33
N VAL B 340 7.11 26.28 5.54
CA VAL B 340 8.50 25.86 5.72
C VAL B 340 8.65 25.18 7.08
N VAL B 341 8.04 25.76 8.12
CA VAL B 341 8.22 25.24 9.48
C VAL B 341 7.64 23.84 9.60
N PHE B 342 6.42 23.64 9.08
CA PHE B 342 5.78 22.33 9.18
C PHE B 342 6.31 21.36 8.14
N SER B 343 7.01 21.84 7.11
CA SER B 343 7.73 20.94 6.22
C SER B 343 9.00 20.42 6.86
N VAL B 344 9.67 21.25 7.66
CA VAL B 344 10.83 20.78 8.42
C VAL B 344 10.41 19.70 9.40
N VAL B 345 9.25 19.89 10.05
CA VAL B 345 8.76 18.89 11.00
C VAL B 345 8.55 17.55 10.30
N ASN B 346 8.06 17.57 9.06
CA ASN B 346 7.89 16.33 8.31
C ASN B 346 9.25 15.74 7.90
N ALA B 347 10.25 16.56 7.63
CA ALA B 347 11.59 16.04 7.38
C ALA B 347 12.24 15.53 8.66
N GLY B 348 12.08 16.27 9.75
CA GLY B 348 12.65 15.84 11.02
C GLY B 348 12.01 14.58 11.56
N SER B 349 10.71 14.40 11.33
CA SER B 349 9.99 13.24 11.83
C SER B 349 10.03 12.06 10.87
N LEU B 350 10.74 12.18 9.75
CA LEU B 350 10.96 11.04 8.86
C LEU B 350 12.34 10.42 9.03
N PHE B 351 13.32 11.18 9.54
CA PHE B 351 14.56 10.58 9.97
C PHE B 351 14.35 9.75 11.24
N LEU B 352 13.44 10.17 12.10
CA LEU B 352 13.14 9.42 13.31
C LEU B 352 12.62 8.02 12.96
N MET B 353 11.73 7.92 11.98
CA MET B 353 11.21 6.62 11.58
C MET B 353 12.30 5.71 11.04
N HIS B 354 13.40 6.27 10.55
CA HIS B 354 14.49 5.49 9.98
C HIS B 354 15.65 5.29 10.93
N TYR B 355 15.95 6.27 11.79
CA TYR B 355 17.11 6.20 12.66
C TYR B 355 16.82 5.56 14.02
N THR B 356 15.56 5.25 14.33
CA THR B 356 15.17 4.77 15.64
C THR B 356 14.89 3.27 15.59
N ALA B 357 15.53 2.53 16.49
CA ALA B 357 15.26 1.09 16.59
C ALA B 357 13.97 0.81 17.35
N ASN B 358 13.59 1.64 18.32
CA ASN B 358 12.36 1.43 19.12
C ASN B 358 11.16 1.55 18.27
N ILE B 359 10.37 0.50 18.19
CA ILE B 359 9.21 0.50 17.30
C ILE B 359 8.21 1.57 17.71
N TRP B 360 8.08 1.83 19.02
CA TRP B 360 7.13 2.83 19.48
C TRP B 360 7.49 4.22 18.96
N ALA B 361 8.79 4.56 18.94
CA ALA B 361 9.20 5.83 18.39
C ALA B 361 8.84 5.94 16.93
N CYS B 362 9.01 4.86 16.16
CA CYS B 362 8.62 4.86 14.76
C CYS B 362 7.14 5.09 14.56
N TYR B 363 6.28 4.60 15.44
CA TYR B 363 4.85 4.93 15.36
C TYR B 363 4.63 6.42 15.55
N ALA B 364 5.30 7.03 16.54
CA ALA B 364 5.14 8.46 16.77
C ALA B 364 5.60 9.27 15.58
N GLY B 365 6.68 8.81 14.91
CA GLY B 365 7.12 9.50 13.71
C GLY B 365 6.04 9.52 12.63
N TYR B 366 5.28 8.44 12.52
CA TYR B 366 4.15 8.42 11.59
C TYR B 366 3.01 9.30 12.10
N LEU B 367 2.80 9.31 13.41
CA LEU B 367 1.72 10.13 13.97
C LEU B 367 1.97 11.61 13.72
N ILE B 368 3.20 12.07 13.95
CA ILE B 368 3.51 13.48 13.76
C ILE B 368 3.51 13.85 12.28
N PHE B 369 4.02 12.96 11.43
CA PHE B 369 4.12 13.26 10.01
C PHE B 369 2.73 13.47 9.40
N LYS B 370 1.81 12.53 9.63
CA LYS B 370 0.49 12.65 9.04
C LYS B 370 -0.25 13.86 9.61
N SER B 371 -0.15 14.08 10.92
CA SER B 371 -0.81 15.24 11.51
C SER B 371 -0.20 16.55 11.00
N SER B 372 1.12 16.60 10.89
CA SER B 372 1.78 17.82 10.46
C SER B 372 1.50 18.09 8.98
N TYR B 373 1.64 17.08 8.13
CA TYR B 373 1.41 17.28 6.70
C TYR B 373 -0.02 17.71 6.43
N MET B 374 -0.99 17.05 7.06
CA MET B 374 -2.39 17.40 6.82
C MET B 374 -2.70 18.81 7.25
N LEU B 375 -1.88 19.41 8.11
CA LEU B 375 -2.03 20.80 8.49
C LEU B 375 -1.53 21.76 7.42
N LEU B 376 -0.86 21.24 6.38
CA LEU B 376 -0.36 22.05 5.28
C LEU B 376 -1.17 21.91 4.01
N ILE B 377 -1.66 20.70 3.70
CA ILE B 377 -2.53 20.55 2.55
C ILE B 377 -3.79 21.39 2.72
N THR B 378 -4.20 21.64 3.96
CA THR B 378 -5.36 22.49 4.19
C THR B 378 -5.04 23.96 3.94
N ILE B 379 -3.84 24.41 4.31
CA ILE B 379 -3.45 25.78 4.02
C ILE B 379 -3.24 25.97 2.52
N ALA B 380 -2.58 25.01 1.87
CA ALA B 380 -2.35 25.12 0.44
C ALA B 380 -3.67 25.08 -0.33
N VAL B 381 -4.57 24.18 0.05
CA VAL B 381 -5.87 24.12 -0.60
C VAL B 381 -6.66 25.39 -0.35
N PHE B 382 -6.55 25.95 0.88
CA PHE B 382 -7.25 27.19 1.18
C PHE B 382 -6.72 28.33 0.33
N GLN B 383 -5.41 28.40 0.13
CA GLN B 383 -4.81 29.49 -0.65
C GLN B 383 -5.03 29.32 -2.14
N ILE B 384 -5.04 28.08 -2.64
CA ILE B 384 -5.32 27.85 -4.05
C ILE B 384 -6.73 28.29 -4.39
N ALA B 385 -7.69 27.94 -3.55
CA ALA B 385 -9.11 28.20 -3.80
C ALA B 385 -9.55 29.42 -2.99
N VAL B 386 -9.28 30.60 -3.52
CA VAL B 386 -9.83 31.83 -2.99
C VAL B 386 -10.56 32.66 -4.03
N ASN B 387 -10.28 32.43 -5.31
CA ASN B 387 -10.95 33.14 -6.37
C ASN B 387 -11.53 32.21 -7.43
N LEU B 388 -11.05 30.99 -7.53
CA LEU B 388 -11.50 30.06 -8.55
C LEU B 388 -12.95 29.68 -8.31
N ASN B 389 -13.68 29.43 -9.39
CA ASN B 389 -15.06 29.05 -9.30
C ASN B 389 -15.20 27.58 -9.05
N VAL B 390 -16.41 27.12 -8.78
CA VAL B 390 -16.65 25.69 -8.62
C VAL B 390 -16.38 24.96 -9.93
N GLU B 391 -16.46 25.66 -11.06
CA GLU B 391 -16.17 25.07 -12.37
C GLU B 391 -14.68 25.07 -12.70
N ARG B 392 -13.84 25.63 -11.83
CA ARG B 392 -12.40 25.69 -12.07
C ARG B 392 -11.59 24.86 -11.08
N TYR B 393 -12.20 24.41 -9.98
CA TYR B 393 -11.46 23.59 -9.02
C TYR B 393 -11.00 22.29 -9.66
N ALA B 394 -11.87 21.64 -10.43
CA ALA B 394 -11.54 20.32 -10.96
C ALA B 394 -10.31 20.36 -11.86
N LEU B 395 -10.25 21.33 -12.76
CA LEU B 395 -9.14 21.43 -13.70
C LEU B 395 -7.99 22.26 -13.15
N VAL B 396 -8.02 22.61 -11.87
CA VAL B 396 -6.88 23.24 -11.21
C VAL B 396 -6.43 22.31 -10.09
N PHE B 397 -7.35 21.53 -9.54
CA PHE B 397 -7.02 20.42 -8.66
C PHE B 397 -6.91 19.10 -9.40
N GLY B 398 -7.16 19.10 -10.71
CA GLY B 398 -6.99 17.90 -11.51
C GLY B 398 -5.61 17.82 -12.11
N ILE B 399 -5.05 18.98 -12.46
CA ILE B 399 -3.67 19.02 -12.93
C ILE B 399 -2.71 18.71 -11.80
N ASN B 400 -2.89 19.34 -10.65
CA ASN B 400 -1.99 19.13 -9.51
C ASN B 400 -2.01 17.70 -9.03
N THR B 401 -3.16 17.04 -8.97
CA THR B 401 -3.21 15.63 -8.61
C THR B 401 -2.61 14.75 -9.69
N PHE B 402 -2.39 15.28 -10.89
CA PHE B 402 -1.67 14.55 -11.94
C PHE B 402 -0.18 14.87 -11.91
N ILE B 403 0.17 16.17 -11.89
CA ILE B 403 1.58 16.54 -11.82
C ILE B 403 2.21 15.98 -10.55
N ALA B 404 1.41 15.79 -9.50
CA ALA B 404 1.93 15.16 -8.29
C ALA B 404 2.30 13.71 -8.54
N LEU B 405 1.54 13.02 -9.40
CA LEU B 405 1.84 11.63 -9.70
C LEU B 405 3.03 11.49 -10.64
N VAL B 406 3.17 12.41 -11.61
CA VAL B 406 4.33 12.37 -12.49
C VAL B 406 5.60 12.46 -11.68
N ILE B 407 5.58 13.21 -10.58
CA ILE B 407 6.73 13.26 -9.68
C ILE B 407 6.90 11.92 -8.96
N GLN B 408 5.79 11.35 -8.49
CA GLN B 408 5.87 10.09 -7.75
C GLN B 408 6.40 8.98 -8.62
N THR B 409 5.95 8.90 -9.88
CA THR B 409 6.45 7.86 -10.77
C THR B 409 7.94 8.02 -11.04
N ILE B 410 8.39 9.27 -11.18
CA ILE B 410 9.82 9.50 -11.39
C ILE B 410 10.62 9.07 -10.17
N MET B 411 10.09 9.32 -8.97
CA MET B 411 10.79 8.96 -7.75
C MET B 411 10.75 7.46 -7.49
N THR B 412 9.59 6.83 -7.73
CA THR B 412 9.48 5.40 -7.51
C THR B 412 10.34 4.61 -8.49
N VAL B 413 10.44 5.07 -9.73
CA VAL B 413 11.22 4.37 -10.73
C VAL B 413 12.69 4.34 -10.32
N ILE B 414 13.20 5.47 -9.84
CA ILE B 414 14.62 5.56 -9.52
C ILE B 414 14.93 4.93 -8.17
N VAL B 415 14.09 5.20 -7.17
CA VAL B 415 14.45 4.86 -5.80
C VAL B 415 14.02 3.45 -5.39
N VAL B 416 12.91 2.94 -5.94
CA VAL B 416 12.27 1.73 -5.44
C VAL B 416 12.20 0.65 -6.50
N ASP B 417 11.78 0.99 -7.70
CA ASP B 417 11.48 -0.02 -8.71
C ASP B 417 12.63 -1.00 -8.87
N GLN B 418 12.29 -2.23 -9.27
CA GLN B 418 13.29 -3.29 -9.39
C GLN B 418 14.35 -2.93 -10.42
N ARG B 419 13.94 -2.32 -11.53
CA ARG B 419 14.88 -1.94 -12.58
C ARG B 419 15.67 -0.68 -12.24
N GLY B 420 15.24 0.09 -11.24
CA GLY B 420 15.96 1.27 -10.83
C GLY B 420 17.08 0.94 -9.85
N LEU B 421 17.25 1.78 -8.83
CA LEU B 421 18.28 1.52 -7.83
C LEU B 421 17.94 0.31 -6.97
N ASN B 422 16.67 -0.04 -6.88
CA ASN B 422 16.24 -1.18 -6.07
C ASN B 422 16.69 -1.05 -4.64
N LEU B 423 16.54 0.14 -4.05
CA LEU B 423 16.91 0.36 -2.67
C LEU B 423 15.92 -0.35 -1.75
N PRO B 424 16.40 -1.04 -0.71
CA PRO B 424 15.47 -1.67 0.23
C PRO B 424 14.74 -0.64 1.09
N VAL B 425 13.89 -1.10 2.00
CA VAL B 425 13.13 -0.17 2.84
C VAL B 425 13.97 0.37 3.99
N SER B 426 15.08 -0.29 4.32
CA SER B 426 15.93 0.19 5.40
C SER B 426 16.50 1.57 5.10
N ILE B 427 16.96 1.77 3.86
CA ILE B 427 17.63 3.02 3.49
C ILE B 427 16.68 3.97 2.77
N GLN B 428 15.50 3.51 2.37
CA GLN B 428 14.58 4.37 1.62
C GLN B 428 14.22 5.62 2.41
N PHE B 429 13.85 5.45 3.68
CA PHE B 429 13.30 6.58 4.43
C PHE B 429 14.34 7.66 4.71
N LEU B 430 15.63 7.40 4.50
CA LEU B 430 16.61 8.47 4.51
C LEU B 430 16.53 9.32 3.26
N VAL B 431 15.83 8.85 2.23
CA VAL B 431 15.59 9.66 1.03
C VAL B 431 14.31 10.45 1.15
N TYR B 432 13.22 9.81 1.59
CA TYR B 432 11.98 10.53 1.84
C TYR B 432 12.17 11.55 2.95
N GLY B 433 12.87 11.18 4.01
CA GLY B 433 13.19 12.15 5.05
C GLY B 433 14.08 13.27 4.57
N SER B 434 14.87 13.04 3.52
CA SER B 434 15.63 14.09 2.88
C SER B 434 14.88 14.74 1.73
N TYR B 435 13.83 14.08 1.22
CA TYR B 435 13.00 14.69 0.20
C TYR B 435 12.28 15.92 0.73
N PHE B 436 11.75 15.83 1.95
CA PHE B 436 11.03 16.94 2.56
C PHE B 436 11.97 17.98 3.17
N ALA B 437 13.25 17.66 3.34
CA ALA B 437 14.23 18.65 3.74
C ALA B 437 14.81 19.42 2.57
N VAL B 438 14.50 19.00 1.34
CA VAL B 438 14.90 19.74 0.14
C VAL B 438 13.74 20.53 -0.44
N ILE B 439 12.51 20.27 -0.01
CA ILE B 439 11.35 21.06 -0.39
C ILE B 439 11.22 22.21 0.59
N ALA B 440 12.13 22.29 1.55
CA ALA B 440 12.18 23.39 2.50
C ALA B 440 13.24 24.41 2.16
N GLY B 441 14.45 23.97 1.78
CA GLY B 441 15.48 24.91 1.40
C GLY B 441 15.14 25.71 0.16
N ILE B 442 14.51 25.07 -0.83
CA ILE B 442 14.19 25.75 -2.08
C ILE B 442 12.95 26.62 -1.97
N PHE B 443 12.13 26.44 -0.93
CA PHE B 443 11.02 27.34 -0.64
C PHE B 443 11.33 28.25 0.54
N LEU B 444 12.57 28.21 1.04
CA LEU B 444 13.07 29.21 1.99
C LEU B 444 14.29 29.96 1.50
N MET B 445 15.14 29.36 0.67
CA MET B 445 16.22 30.07 0.01
C MET B 445 15.76 30.79 -1.25
N ARG B 446 14.53 30.51 -1.71
CA ARG B 446 13.94 31.27 -2.79
C ARG B 446 13.50 32.66 -2.35
N SER B 447 13.17 32.83 -1.07
CA SER B 447 12.85 34.13 -0.50
C SER B 447 14.17 34.83 -0.19
N MET B 448 14.72 35.51 -1.20
CA MET B 448 16.00 36.18 -1.08
C MET B 448 15.84 37.67 -1.38
N TYR B 449 16.62 38.48 -0.67
CA TYR B 449 16.62 39.92 -0.89
C TYR B 449 18.06 40.44 -0.95
CM2 VIB C . -3.72 -3.70 -2.29
N4A VIB C . -0.40 -0.32 -2.99
CM4 VIB C . -2.54 4.22 0.06
O1 VIB C . -2.34 2.62 5.40
C7 VIB C . -3.25 3.34 4.57
C6 VIB C . -2.51 3.97 3.40
C2 VIB C . -1.60 0.85 1.25
S1 VIB C . -1.77 1.37 2.91
C5 VIB C . -2.21 2.94 2.34
C4 VIB C . -2.21 3.00 0.86
N3 VIB C . -1.87 1.80 0.34
C7A VIB C . -1.78 1.56 -1.10
C4A VIB C . -1.54 -0.70 -2.37
N3A VIB C . -2.06 -1.93 -2.60
C2A VIB C . -3.18 -2.33 -1.99
N1A VIB C . -3.85 -1.53 -1.13
C6A VIB C . -3.42 -0.30 -0.84
C5A VIB C . -2.26 0.18 -1.43
#